data_4U1M
#
_entry.id   4U1M
#
_cell.length_a   51.060
_cell.length_b   81.340
_cell.length_c   110.930
_cell.angle_alpha   90.000
_cell.angle_beta   90.000
_cell.angle_gamma   90.000
#
_symmetry.space_group_name_H-M   'P 21 21 21'
#
loop_
_entity.id
_entity.type
_entity.pdbx_description
1 polymer 'HLA class I histocompatibility antigen, B-42 alpha chain'
2 polymer Beta-2-microglobulin
3 polymer 'Protein Nef'
4 non-polymer 1,2-ETHANEDIOL
5 non-polymer GLYCEROL
6 water water
#
loop_
_entity_poly.entity_id
_entity_poly.type
_entity_poly.pdbx_seq_one_letter_code
_entity_poly.pdbx_strand_id
1 'polypeptide(L)'
;GSHSMRYFYTSVSRPGRGEPRFISVGYVDDTQFVRFDSDAASPREEPRAPWIEQEGPEYWDRNTQIYKAQAQTDRESLRN
LRGYYNQSEAGSHTLQSMYGCDVGPDGRLLRGHNQYAYDGKDYIALNEDLRSWTAADTAAQITQRKWEAARVAEQDRAYL
EGTCVEWLRRYLENGKDTLERADPPKTHVTHHPISDHEATLRCWALGFYPAEITLTWQRDGEDQTQDTELVETRPAGDRT
FQKWAAVVVPSGEEQRYTCHVQHEGLPKPLTLRWEPS
;
A
2 'polypeptide(L)'
;MIQRTPKIQVYSRHPAENGKSNFLNCYVSGFHPSDIEVDLLKNGERIEKVEHSDLSFSKDWSFYLLYYTEFTPTEKDEYA
CRVNHVTLSQPKIVKWDRDM
;
B
3 'polypeptide(L)' RPQVPLRPM C
#
loop_
_chem_comp.id
_chem_comp.type
_chem_comp.name
_chem_comp.formula
EDO non-polymer 1,2-ETHANEDIOL 'C2 H6 O2'
GOL non-polymer GLYCEROL 'C3 H8 O3'
#
# COMPACT_ATOMS: atom_id res chain seq x y z
N GLY A 1 -0.63 -17.75 -10.85
CA GLY A 1 -2.13 -17.59 -10.88
C GLY A 1 -2.75 -17.66 -9.45
N SER A 2 -1.94 -17.40 -8.47
CA SER A 2 -2.46 -17.29 -7.11
C SER A 2 -3.12 -15.93 -6.89
N HIS A 3 -3.92 -15.83 -5.85
CA HIS A 3 -4.61 -14.57 -5.50
C HIS A 3 -4.74 -14.46 -4.03
N SER A 4 -4.82 -13.25 -3.51
N SER A 4 -5.02 -13.30 -3.55
CA SER A 4 -4.95 -12.92 -2.06
CA SER A 4 -5.21 -13.06 -2.16
C SER A 4 -6.12 -11.98 -1.83
C SER A 4 -6.34 -12.12 -1.93
N MET A 5 -6.85 -12.18 -0.73
CA MET A 5 -7.75 -11.14 -0.19
C MET A 5 -7.19 -10.69 1.12
N ARG A 6 -7.17 -9.40 1.36
CA ARG A 6 -6.67 -8.81 2.60
C ARG A 6 -7.52 -7.70 3.06
N TYR A 7 -7.75 -7.60 4.34
CA TYR A 7 -8.31 -6.42 5.02
C TYR A 7 -7.22 -5.78 5.84
N PHE A 8 -7.16 -4.46 5.81
CA PHE A 8 -6.17 -3.67 6.51
C PHE A 8 -6.91 -2.68 7.37
N TYR A 9 -6.82 -2.79 8.67
CA TYR A 9 -7.47 -1.88 9.61
C TYR A 9 -6.45 -1.01 10.29
N THR A 10 -6.80 0.27 10.46
CA THR A 10 -5.98 1.23 11.19
C THR A 10 -6.89 1.94 12.21
N SER A 11 -6.55 1.83 13.50
CA SER A 11 -7.20 2.59 14.57
C SER A 11 -6.20 3.48 15.19
N VAL A 12 -6.51 4.77 15.38
CA VAL A 12 -5.53 5.73 15.88
C VAL A 12 -6.19 6.58 16.95
N SER A 13 -5.68 6.51 18.17
CA SER A 13 -6.24 7.34 19.25
C SER A 13 -5.79 8.78 19.11
N ARG A 14 -6.50 9.68 19.75
CA ARG A 14 -6.32 11.13 19.59
C ARG A 14 -6.91 11.84 20.80
N PRO A 15 -6.30 11.62 21.98
CA PRO A 15 -6.87 12.14 23.22
C PRO A 15 -7.15 13.61 23.07
N GLY A 16 -8.31 14.03 23.50
CA GLY A 16 -8.78 15.39 23.39
C GLY A 16 -9.50 15.74 22.10
N ARG A 17 -9.50 14.82 21.15
CA ARG A 17 -10.06 15.03 19.82
C ARG A 17 -11.00 13.91 19.44
N GLY A 18 -11.73 13.41 20.45
CA GLY A 18 -12.72 12.35 20.22
C GLY A 18 -12.20 11.00 20.40
N GLU A 19 -12.96 10.03 19.95
CA GLU A 19 -12.63 8.60 20.04
C GLU A 19 -11.68 8.20 18.94
N PRO A 20 -10.98 7.11 19.08
CA PRO A 20 -10.03 6.75 18.03
C PRO A 20 -10.65 6.57 16.65
N ARG A 21 -10.04 7.05 15.63
CA ARG A 21 -10.56 6.83 14.26
C ARG A 21 -10.32 5.40 13.83
N PHE A 22 -11.27 4.75 13.19
CA PHE A 22 -11.15 3.43 12.61
C PHE A 22 -11.31 3.55 11.12
N ILE A 23 -10.33 3.05 10.37
CA ILE A 23 -10.38 2.94 8.90
C ILE A 23 -10.16 1.51 8.55
N SER A 24 -11.00 0.95 7.63
N SER A 24 -10.91 1.02 7.58
CA SER A 24 -10.76 -0.33 6.98
CA SER A 24 -10.59 -0.20 6.96
C SER A 24 -10.64 -0.11 5.46
C SER A 24 -10.63 -0.11 5.47
N VAL A 25 -9.74 -0.86 4.83
CA VAL A 25 -9.76 -1.06 3.38
C VAL A 25 -9.67 -2.53 3.11
N GLY A 26 -10.26 -2.98 2.02
CA GLY A 26 -10.17 -4.37 1.55
C GLY A 26 -9.59 -4.41 0.20
N TYR A 27 -8.72 -5.38 -0.06
CA TYR A 27 -8.02 -5.63 -1.35
C TYR A 27 -8.19 -7.00 -1.82
N VAL A 28 -8.27 -7.17 -3.13
CA VAL A 28 -7.97 -8.44 -3.81
C VAL A 28 -6.72 -8.17 -4.58
N ASP A 29 -5.64 -8.90 -4.26
CA ASP A 29 -4.36 -8.61 -4.89
C ASP A 29 -4.03 -7.13 -4.73
N ASP A 30 -3.66 -6.44 -5.81
CA ASP A 30 -3.34 -5.01 -5.73
C ASP A 30 -4.53 -4.15 -6.05
N THR A 31 -5.74 -4.65 -5.97
CA THR A 31 -6.96 -3.88 -6.30
C THR A 31 -7.77 -3.66 -5.04
N GLN A 32 -7.88 -2.40 -4.60
CA GLN A 32 -8.78 -2.07 -3.50
C GLN A 32 -10.19 -2.20 -3.91
N PHE A 33 -11.10 -2.74 -3.11
CA PHE A 33 -12.47 -2.87 -3.49
C PHE A 33 -13.48 -2.34 -2.51
N VAL A 34 -13.12 -2.09 -1.24
CA VAL A 34 -14.05 -1.52 -0.25
C VAL A 34 -13.26 -0.64 0.69
N ARG A 35 -14.01 0.24 1.36
CA ARG A 35 -13.48 1.06 2.48
C ARG A 35 -14.58 1.27 3.50
N PHE A 36 -14.11 1.67 4.70
CA PHE A 36 -14.97 2.16 5.78
C PHE A 36 -14.19 3.18 6.56
N ASP A 37 -14.79 4.28 6.97
CA ASP A 37 -14.11 5.30 7.77
C ASP A 37 -15.05 5.83 8.83
N SER A 38 -14.69 5.63 10.09
CA SER A 38 -15.54 6.09 11.17
C SER A 38 -15.67 7.61 11.23
N ASP A 39 -14.81 8.37 10.55
CA ASP A 39 -14.95 9.82 10.51
C ASP A 39 -15.84 10.28 9.40
N ALA A 40 -16.32 9.42 8.51
CA ALA A 40 -17.27 9.84 7.48
C ALA A 40 -18.53 10.35 8.15
N ALA A 41 -19.24 11.25 7.47
CA ALA A 41 -20.48 11.76 7.96
C ALA A 41 -21.48 10.65 8.36
N SER A 42 -21.61 9.67 7.52
CA SER A 42 -22.48 8.53 7.73
C SER A 42 -21.68 7.30 7.45
N PRO A 43 -20.93 6.77 8.42
CA PRO A 43 -20.00 5.70 8.13
C PRO A 43 -20.70 4.49 7.57
N ARG A 44 -20.18 3.98 6.48
CA ARG A 44 -20.75 2.79 5.83
C ARG A 44 -19.65 2.16 5.02
N GLU A 45 -19.68 0.84 4.84
CA GLU A 45 -18.85 0.20 3.86
C GLU A 45 -19.22 0.75 2.49
N GLU A 46 -18.21 1.16 1.72
CA GLU A 46 -18.45 1.72 0.38
C GLU A 46 -17.64 0.97 -0.68
N PRO A 47 -18.21 0.87 -1.87
CA PRO A 47 -17.50 0.21 -2.97
C PRO A 47 -16.40 1.06 -3.47
N ARG A 48 -15.29 0.43 -3.87
CA ARG A 48 -14.14 1.12 -4.44
C ARG A 48 -13.65 0.42 -5.71
N ALA A 49 -14.36 -0.55 -6.22
CA ALA A 49 -14.07 -1.20 -7.52
C ALA A 49 -15.46 -1.43 -8.12
N PRO A 50 -15.57 -1.45 -9.45
CA PRO A 50 -16.90 -1.60 -10.06
C PRO A 50 -17.54 -2.93 -9.86
N TRP A 51 -16.75 -4.02 -9.80
CA TRP A 51 -17.29 -5.37 -9.73
C TRP A 51 -17.91 -5.72 -8.38
N ILE A 52 -17.70 -4.91 -7.37
CA ILE A 52 -18.34 -5.15 -6.08
C ILE A 52 -19.69 -4.45 -5.97
N GLU A 53 -19.98 -3.53 -6.88
CA GLU A 53 -21.18 -2.71 -6.78
C GLU A 53 -22.42 -3.52 -6.85
N GLN A 54 -22.40 -4.68 -7.51
CA GLN A 54 -23.55 -5.57 -7.62
C GLN A 54 -23.98 -6.23 -6.33
N GLU A 55 -23.15 -6.24 -5.30
CA GLU A 55 -23.61 -6.86 -4.05
C GLU A 55 -24.84 -6.10 -3.54
N GLY A 56 -25.76 -6.85 -2.99
CA GLY A 56 -27.04 -6.33 -2.54
C GLY A 56 -26.94 -5.58 -1.24
N PRO A 57 -28.07 -4.94 -0.85
CA PRO A 57 -28.06 -4.12 0.35
C PRO A 57 -27.69 -4.89 1.60
N GLU A 58 -28.03 -6.15 1.71
CA GLU A 58 -27.70 -6.95 2.83
CA GLU A 58 -27.68 -6.88 2.91
C GLU A 58 -26.17 -7.06 3.06
N TYR A 59 -25.42 -7.16 1.96
CA TYR A 59 -23.96 -7.18 2.04
C TYR A 59 -23.40 -5.93 2.73
N TRP A 60 -23.82 -4.78 2.17
CA TRP A 60 -23.32 -3.51 2.62
C TRP A 60 -23.74 -3.27 4.09
N ASP A 61 -24.98 -3.59 4.42
CA ASP A 61 -25.46 -3.38 5.79
C ASP A 61 -24.78 -4.26 6.77
N ARG A 62 -24.63 -5.54 6.47
CA ARG A 62 -23.96 -6.41 7.41
C ARG A 62 -22.51 -6.02 7.60
N ASN A 63 -21.81 -5.69 6.53
CA ASN A 63 -20.43 -5.36 6.68
C ASN A 63 -20.26 -4.05 7.46
N THR A 64 -21.15 -3.08 7.22
CA THR A 64 -21.12 -1.85 8.01
C THR A 64 -21.29 -2.15 9.52
N GLN A 65 -22.23 -2.99 9.82
CA GLN A 65 -22.37 -3.35 11.25
C GLN A 65 -21.10 -4.01 11.79
N ILE A 66 -20.42 -4.82 11.03
CA ILE A 66 -19.17 -5.45 11.45
C ILE A 66 -18.15 -4.37 11.73
N TYR A 67 -17.93 -3.43 10.79
CA TYR A 67 -16.91 -2.45 11.03
C TYR A 67 -17.23 -1.55 12.22
N LYS A 68 -18.48 -1.20 12.43
N LYS A 68 -18.49 -1.21 12.44
CA LYS A 68 -18.79 -0.43 13.61
CA LYS A 68 -18.80 -0.42 13.62
C LYS A 68 -18.45 -1.18 14.87
C LYS A 68 -18.45 -1.18 14.87
N ALA A 69 -18.78 -2.48 14.94
CA ALA A 69 -18.40 -3.29 16.10
C ALA A 69 -16.89 -3.43 16.19
N GLN A 70 -16.21 -3.55 15.09
CA GLN A 70 -14.76 -3.64 15.13
C GLN A 70 -14.15 -2.35 15.70
N ALA A 71 -14.68 -1.21 15.31
CA ALA A 71 -14.17 0.05 15.87
C ALA A 71 -14.31 0.05 17.37
N GLN A 72 -15.43 -0.39 17.87
CA GLN A 72 -15.59 -0.48 19.31
C GLN A 72 -14.59 -1.47 19.94
N THR A 73 -14.39 -2.60 19.33
CA THR A 73 -13.41 -3.58 19.86
C THR A 73 -12.05 -3.01 19.82
N ASP A 74 -11.62 -2.36 18.76
CA ASP A 74 -10.31 -1.75 18.69
C ASP A 74 -10.16 -0.65 19.70
N ARG A 75 -11.17 0.10 20.05
CA ARG A 75 -11.04 1.10 21.08
C ARG A 75 -10.80 0.46 22.43
N GLU A 76 -11.48 -0.62 22.74
CA GLU A 76 -11.15 -1.38 23.96
C GLU A 76 -9.73 -1.88 23.92
N SER A 77 -9.33 -2.44 22.81
CA SER A 77 -7.97 -2.89 22.65
C SER A 77 -6.98 -1.80 22.93
N LEU A 78 -7.15 -0.62 22.34
CA LEU A 78 -6.27 0.51 22.58
C LEU A 78 -6.19 0.88 24.03
N ARG A 79 -7.29 0.90 24.74
CA ARG A 79 -7.22 1.19 26.17
C ARG A 79 -6.44 0.10 26.89
N ASN A 80 -6.65 -1.14 26.56
CA ASN A 80 -5.93 -2.26 27.22
C ASN A 80 -4.46 -2.17 26.94
N LEU A 81 -4.09 -1.91 25.70
CA LEU A 81 -2.67 -1.82 25.30
C LEU A 81 -1.98 -0.69 26.03
N ARG A 82 -2.62 0.45 26.18
CA ARG A 82 -1.99 1.54 26.91
C ARG A 82 -1.69 1.05 28.29
N GLY A 83 -2.57 0.37 28.97
CA GLY A 83 -2.29 -0.18 30.27
C GLY A 83 -1.21 -1.25 30.32
N TYR A 84 -1.18 -2.12 29.32
CA TYR A 84 -0.18 -3.18 29.29
C TYR A 84 1.22 -2.60 29.19
N TYR A 85 1.37 -1.41 28.63
CA TYR A 85 2.67 -0.74 28.45
C TYR A 85 2.86 0.39 29.42
N ASN A 86 1.96 0.54 30.41
CA ASN A 86 2.09 1.57 31.45
C ASN A 86 2.15 2.93 30.81
N GLN A 87 1.42 3.20 29.75
CA GLN A 87 1.56 4.45 28.96
C GLN A 87 0.63 5.52 29.50
N SER A 88 1.02 6.77 29.29
CA SER A 88 0.19 7.93 29.60
C SER A 88 -1.15 7.97 28.83
N GLU A 89 -2.20 8.56 29.39
CA GLU A 89 -3.46 8.77 28.66
C GLU A 89 -3.38 9.96 27.70
N ALA A 90 -2.25 10.60 27.74
CA ALA A 90 -2.09 11.82 26.89
C ALA A 90 -1.65 11.59 25.48
N GLY A 91 -1.03 10.47 25.22
CA GLY A 91 -0.44 10.24 23.86
C GLY A 91 -1.34 9.53 22.89
N SER A 92 -0.95 9.66 21.68
N SER A 92 -1.18 9.83 21.59
CA SER A 92 -1.67 8.97 20.63
CA SER A 92 -1.80 9.02 20.45
C SER A 92 -0.98 7.65 20.32
C SER A 92 -1.03 7.74 20.14
N HIS A 93 -1.78 6.68 19.94
CA HIS A 93 -1.23 5.36 19.62
C HIS A 93 -2.01 4.76 18.46
N THR A 94 -1.39 3.78 17.83
CA THR A 94 -1.94 3.13 16.62
C THR A 94 -2.04 1.63 16.78
N LEU A 95 -3.18 1.10 16.41
CA LEU A 95 -3.38 -0.37 16.36
C LEU A 95 -3.71 -0.70 14.92
N GLN A 96 -2.91 -1.53 14.28
CA GLN A 96 -3.15 -2.00 12.91
C GLN A 96 -3.44 -3.47 12.93
N SER A 97 -4.32 -3.88 12.01
CA SER A 97 -4.70 -5.30 11.84
C SER A 97 -4.62 -5.64 10.40
N MET A 98 -4.22 -6.87 10.11
N MET A 98 -4.08 -6.82 10.05
CA MET A 98 -4.26 -7.37 8.75
CA MET A 98 -4.01 -7.32 8.66
C MET A 98 -4.67 -8.80 8.83
C MET A 98 -4.43 -8.77 8.66
N TYR A 99 -5.53 -9.15 7.94
CA TYR A 99 -5.94 -10.58 7.86
C TYR A 99 -6.40 -10.90 6.47
N GLY A 100 -6.45 -12.18 6.17
CA GLY A 100 -6.98 -12.68 4.90
C GLY A 100 -6.33 -13.91 4.44
N CYS A 101 -6.60 -14.32 3.22
CA CYS A 101 -6.25 -15.63 2.70
C CYS A 101 -5.58 -15.54 1.37
N ASP A 102 -4.75 -16.52 1.07
CA ASP A 102 -4.09 -16.72 -0.24
C ASP A 102 -4.63 -17.96 -0.81
N VAL A 103 -4.93 -17.98 -2.09
CA VAL A 103 -5.39 -19.19 -2.79
C VAL A 103 -4.57 -19.42 -4.02
N GLY A 104 -4.50 -20.66 -4.44
CA GLY A 104 -3.85 -21.01 -5.68
C GLY A 104 -4.79 -20.90 -6.84
N PRO A 105 -4.31 -21.28 -8.07
CA PRO A 105 -5.09 -21.15 -9.29
C PRO A 105 -6.30 -22.08 -9.23
N ASP A 106 -6.17 -23.16 -8.46
CA ASP A 106 -7.28 -24.07 -8.20
C ASP A 106 -8.32 -23.57 -7.23
N GLY A 107 -8.12 -22.38 -6.66
CA GLY A 107 -8.96 -21.85 -5.66
C GLY A 107 -8.77 -22.41 -4.27
N ARG A 108 -7.80 -23.32 -4.03
CA ARG A 108 -7.54 -23.92 -2.73
C ARG A 108 -6.72 -23.00 -1.86
N LEU A 109 -7.00 -23.04 -0.57
CA LEU A 109 -6.25 -22.26 0.39
C LEU A 109 -4.76 -22.60 0.34
N LEU A 110 -3.92 -21.63 0.26
CA LEU A 110 -2.47 -21.77 0.43
C LEU A 110 -2.12 -21.42 1.84
N ARG A 111 -2.57 -20.33 2.37
CA ARG A 111 -2.35 -19.93 3.77
C ARG A 111 -3.25 -18.85 4.17
N GLY A 112 -3.47 -18.71 5.46
CA GLY A 112 -4.21 -17.63 6.08
C GLY A 112 -3.34 -16.76 6.90
N HIS A 113 -3.84 -15.60 7.25
CA HIS A 113 -3.15 -14.57 8.05
C HIS A 113 -4.09 -13.90 8.96
N ASN A 114 -3.64 -13.53 10.15
CA ASN A 114 -4.37 -12.65 11.04
CA ASN A 114 -4.42 -12.71 11.08
C ASN A 114 -3.42 -12.08 12.07
N GLN A 115 -3.00 -10.87 11.89
CA GLN A 115 -1.94 -10.35 12.73
C GLN A 115 -2.11 -8.88 13.01
N TYR A 116 -1.32 -8.38 13.95
CA TYR A 116 -1.50 -7.04 14.53
C TYR A 116 -0.21 -6.39 14.83
N ALA A 117 -0.24 -5.04 14.82
CA ALA A 117 0.90 -4.23 15.25
C ALA A 117 0.42 -3.08 16.13
N TYR A 118 1.23 -2.71 17.09
CA TYR A 118 0.93 -1.61 18.00
C TYR A 118 2.06 -0.58 17.82
N ASP A 119 1.68 0.64 17.52
CA ASP A 119 2.69 1.67 17.25
C ASP A 119 3.73 1.21 16.23
N GLY A 120 3.31 0.53 15.25
CA GLY A 120 4.17 0.15 14.11
C GLY A 120 4.97 -1.08 14.37
N LYS A 121 4.91 -1.73 15.51
CA LYS A 121 5.71 -2.90 15.84
C LYS A 121 4.81 -4.10 15.95
N ASP A 122 5.24 -5.23 15.36
CA ASP A 122 4.50 -6.47 15.46
C ASP A 122 4.15 -6.77 16.92
N TYR A 123 2.93 -7.16 17.16
CA TYR A 123 2.39 -7.37 18.52
C TYR A 123 2.00 -8.82 18.72
N ILE A 124 1.05 -9.33 17.93
CA ILE A 124 0.66 -10.74 18.02
C ILE A 124 0.26 -11.18 16.62
N ALA A 125 0.49 -12.42 16.29
CA ALA A 125 0.14 -12.99 14.98
C ALA A 125 -0.37 -14.39 15.14
N LEU A 126 -1.42 -14.75 14.38
CA LEU A 126 -1.82 -16.13 14.24
C LEU A 126 -0.80 -16.87 13.45
N ASN A 127 -0.32 -17.98 13.94
CA ASN A 127 0.64 -18.79 13.21
C ASN A 127 0.00 -19.44 11.98
N GLU A 128 0.87 -19.94 11.12
CA GLU A 128 0.43 -20.54 9.86
C GLU A 128 -0.49 -21.71 10.07
N ASP A 129 -0.34 -22.39 11.21
CA ASP A 129 -1.20 -23.48 11.59
C ASP A 129 -2.65 -23.04 11.81
N LEU A 130 -2.93 -21.79 11.94
CA LEU A 130 -4.28 -21.26 12.23
C LEU A 130 -4.77 -21.77 13.55
N ARG A 131 -3.89 -22.11 14.46
CA ARG A 131 -4.25 -22.66 15.74
C ARG A 131 -3.55 -21.99 16.90
N SER A 132 -2.36 -21.47 16.74
CA SER A 132 -1.52 -20.95 17.84
C SER A 132 -1.07 -19.59 17.48
N TRP A 133 -0.61 -18.87 18.50
CA TRP A 133 -0.20 -17.48 18.36
C TRP A 133 1.29 -17.27 18.61
N THR A 134 1.84 -16.25 18.02
CA THR A 134 3.17 -15.72 18.42
C THR A 134 3.01 -14.37 18.97
N ALA A 135 3.44 -14.15 20.21
CA ALA A 135 3.36 -12.92 20.95
C ALA A 135 4.72 -12.23 20.96
N ALA A 136 4.79 -10.95 20.75
CA ALA A 136 6.09 -10.26 20.69
C ALA A 136 6.75 -10.02 22.02
N ASP A 137 6.00 -9.90 23.12
CA ASP A 137 6.50 -9.39 24.40
C ASP A 137 5.55 -9.77 25.50
N THR A 138 5.85 -9.35 26.73
CA THR A 138 5.03 -9.74 27.85
C THR A 138 3.64 -9.15 27.78
N ALA A 139 3.44 -8.02 27.13
CA ALA A 139 2.11 -7.43 26.95
C ALA A 139 1.31 -8.33 26.04
N ALA A 140 1.86 -8.71 24.89
CA ALA A 140 1.15 -9.59 23.95
C ALA A 140 0.90 -10.93 24.51
N GLN A 141 1.70 -11.39 25.45
CA GLN A 141 1.43 -12.64 26.12
C GLN A 141 0.12 -12.60 26.90
N ILE A 142 -0.27 -11.45 27.41
CA ILE A 142 -1.59 -11.22 28.04
CA ILE A 142 -1.59 -11.31 28.02
C ILE A 142 -2.69 -11.48 27.01
N THR A 143 -2.59 -10.81 25.89
CA THR A 143 -3.57 -11.02 24.83
C THR A 143 -3.58 -12.45 24.43
N GLN A 144 -2.44 -13.10 24.29
CA GLN A 144 -2.42 -14.51 23.89
CA GLN A 144 -2.43 -14.49 23.88
C GLN A 144 -3.18 -15.35 24.87
N ARG A 145 -2.96 -15.17 26.16
CA ARG A 145 -3.66 -15.95 27.17
C ARG A 145 -5.15 -15.74 27.07
N LYS A 146 -5.58 -14.51 26.88
CA LYS A 146 -7.01 -14.22 26.76
C LYS A 146 -7.59 -14.84 25.52
N TRP A 147 -6.88 -14.75 24.43
CA TRP A 147 -7.42 -15.28 23.17
C TRP A 147 -7.42 -16.80 23.14
N GLU A 148 -6.45 -17.42 23.80
CA GLU A 148 -6.50 -18.88 23.99
C GLU A 148 -7.72 -19.26 24.82
N ALA A 149 -7.98 -18.56 25.90
CA ALA A 149 -9.19 -18.91 26.74
C ALA A 149 -10.49 -18.72 26.00
N ALA A 150 -10.56 -17.80 25.10
CA ALA A 150 -11.77 -17.45 24.37
C ALA A 150 -11.90 -18.24 23.03
N ARG A 151 -10.88 -19.04 22.78
CA ARG A 151 -10.78 -19.87 21.52
C ARG A 151 -10.97 -19.02 20.28
N VAL A 152 -10.32 -17.85 20.26
CA VAL A 152 -10.31 -17.01 19.15
C VAL A 152 -9.73 -17.64 17.86
N ALA A 153 -8.64 -18.36 18.03
CA ALA A 153 -7.98 -18.96 16.85
C ALA A 153 -8.90 -19.85 16.08
N GLU A 154 -9.77 -20.60 16.75
CA GLU A 154 -10.72 -21.47 16.08
C GLU A 154 -11.67 -20.69 15.21
N GLN A 155 -12.16 -19.55 15.68
CA GLN A 155 -13.03 -18.74 14.89
C GLN A 155 -12.31 -18.08 13.77
N ASP A 156 -11.09 -17.64 13.97
CA ASP A 156 -10.32 -17.11 12.84
C ASP A 156 -10.04 -18.18 11.83
N ARG A 157 -9.66 -19.38 12.21
CA ARG A 157 -9.45 -20.45 11.26
C ARG A 157 -10.72 -20.69 10.46
N ALA A 158 -11.88 -20.77 11.11
CA ALA A 158 -13.12 -20.99 10.40
C ALA A 158 -13.40 -19.90 9.34
N TYR A 159 -13.16 -18.66 9.65
CA TYR A 159 -13.32 -17.64 8.65
C TYR A 159 -12.32 -17.80 7.55
N LEU A 160 -11.04 -17.98 7.85
CA LEU A 160 -10.01 -18.05 6.83
C LEU A 160 -10.15 -19.20 5.90
N GLU A 161 -10.57 -20.36 6.37
CA GLU A 161 -10.73 -21.48 5.51
C GLU A 161 -12.10 -21.54 4.81
N GLY A 162 -13.05 -20.78 5.28
CA GLY A 162 -14.41 -20.85 4.78
C GLY A 162 -14.77 -19.57 4.08
N THR A 163 -15.36 -18.64 4.79
CA THR A 163 -15.78 -17.35 4.24
C THR A 163 -14.71 -16.72 3.43
N CYS A 164 -13.50 -16.55 3.89
CA CYS A 164 -12.51 -15.80 3.15
C CYS A 164 -12.27 -16.42 1.81
N VAL A 165 -12.03 -17.70 1.72
CA VAL A 165 -11.78 -18.33 0.46
C VAL A 165 -12.99 -18.27 -0.45
N GLU A 166 -14.16 -18.54 0.08
CA GLU A 166 -15.37 -18.57 -0.72
C GLU A 166 -15.67 -17.20 -1.31
N TRP A 167 -15.54 -16.17 -0.56
CA TRP A 167 -15.83 -14.81 -1.06
C TRP A 167 -14.73 -14.37 -1.95
N LEU A 168 -13.48 -14.67 -1.70
CA LEU A 168 -12.42 -14.38 -2.68
C LEU A 168 -12.69 -15.05 -4.01
N ARG A 169 -13.13 -16.26 -4.04
CA ARG A 169 -13.44 -16.90 -5.31
C ARG A 169 -14.58 -16.22 -6.02
N ARG A 170 -15.62 -15.78 -5.29
CA ARG A 170 -16.70 -15.02 -5.85
C ARG A 170 -16.22 -13.73 -6.48
N TYR A 171 -15.38 -13.00 -5.78
CA TYR A 171 -14.88 -11.74 -6.29
C TYR A 171 -14.04 -11.97 -7.52
N LEU A 172 -13.21 -12.99 -7.58
CA LEU A 172 -12.41 -13.32 -8.75
C LEU A 172 -13.28 -13.64 -9.91
N GLU A 173 -14.37 -14.35 -9.74
CA GLU A 173 -15.30 -14.61 -10.80
C GLU A 173 -15.96 -13.32 -11.28
N ASN A 174 -16.47 -12.52 -10.41
CA ASN A 174 -17.21 -11.31 -10.77
C ASN A 174 -16.28 -10.21 -11.33
N GLY A 175 -15.06 -10.12 -10.88
CA GLY A 175 -14.07 -9.12 -11.32
C GLY A 175 -13.11 -9.73 -12.29
N LYS A 176 -13.37 -10.85 -12.90
CA LYS A 176 -12.40 -11.59 -13.64
C LYS A 176 -11.66 -10.70 -14.65
N ASP A 177 -12.38 -9.87 -15.39
CA ASP A 177 -11.78 -9.12 -16.54
C ASP A 177 -10.65 -8.26 -16.09
N THR A 178 -10.60 -7.84 -14.87
CA THR A 178 -9.49 -7.05 -14.32
C THR A 178 -8.65 -7.88 -13.38
N LEU A 179 -9.27 -8.56 -12.40
CA LEU A 179 -8.52 -9.24 -11.35
C LEU A 179 -7.71 -10.41 -11.92
N GLU A 180 -8.11 -11.03 -12.95
CA GLU A 180 -7.39 -12.11 -13.54
C GLU A 180 -6.66 -11.73 -14.82
N ARG A 181 -6.46 -10.41 -15.07
CA ARG A 181 -5.75 -9.92 -16.21
C ARG A 181 -4.44 -9.24 -15.79
N ALA A 182 -3.35 -9.77 -16.27
CA ALA A 182 -2.07 -9.17 -16.09
C ALA A 182 -1.78 -8.22 -17.28
N ASP A 183 -1.43 -7.00 -17.02
CA ASP A 183 -1.08 -5.99 -18.02
C ASP A 183 0.44 -5.89 -17.97
N PRO A 184 1.11 -6.24 -19.05
CA PRO A 184 2.56 -6.20 -19.04
C PRO A 184 3.08 -4.78 -19.06
N PRO A 185 4.31 -4.58 -18.57
CA PRO A 185 4.90 -3.26 -18.64
C PRO A 185 5.25 -2.83 -20.03
N LYS A 186 5.05 -1.52 -20.30
CA LYS A 186 5.60 -0.87 -21.48
C LYS A 186 6.93 -0.32 -21.06
N THR A 187 7.98 -0.60 -21.80
CA THR A 187 9.36 -0.40 -21.39
C THR A 187 10.12 0.45 -22.33
N HIS A 188 11.10 1.21 -21.80
CA HIS A 188 12.07 1.90 -22.64
C HIS A 188 13.27 2.24 -21.79
N VAL A 189 14.32 2.64 -22.47
CA VAL A 189 15.56 3.10 -21.82
C VAL A 189 15.87 4.48 -22.24
N THR A 190 16.14 5.38 -21.30
CA THR A 190 16.61 6.71 -21.58
C THR A 190 18.05 6.92 -21.19
N HIS A 191 18.64 7.92 -21.76
CA HIS A 191 20.06 8.21 -21.62
C HIS A 191 20.26 9.65 -21.33
N HIS A 192 21.02 9.98 -20.31
CA HIS A 192 21.25 11.40 -19.97
C HIS A 192 22.66 11.64 -19.51
N PRO A 193 23.47 12.33 -20.29
CA PRO A 193 24.82 12.67 -19.82
C PRO A 193 24.76 13.47 -18.51
N ILE A 194 25.61 13.10 -17.60
CA ILE A 194 25.81 13.89 -16.39
C ILE A 194 27.06 14.68 -16.38
N SER A 195 28.00 14.29 -17.16
CA SER A 195 29.26 14.99 -17.28
C SER A 195 29.92 14.57 -18.58
N ASP A 196 31.10 14.95 -18.92
CA ASP A 196 31.74 14.48 -20.10
C ASP A 196 32.10 12.99 -19.96
N HIS A 197 32.15 12.47 -18.72
CA HIS A 197 32.69 11.13 -18.39
C HIS A 197 31.62 10.11 -18.20
N GLU A 198 30.45 10.50 -17.83
CA GLU A 198 29.43 9.54 -17.38
C GLU A 198 28.06 9.94 -17.82
N ALA A 199 27.17 8.96 -17.94
CA ALA A 199 25.78 9.17 -18.29
C ALA A 199 24.91 8.28 -17.45
N THR A 200 23.69 8.68 -17.25
CA THR A 200 22.69 7.79 -16.61
C THR A 200 21.90 7.06 -17.64
N LEU A 201 21.76 5.75 -17.47
CA LEU A 201 20.79 4.93 -18.20
C LEU A 201 19.66 4.63 -17.27
N ARG A 202 18.44 4.92 -17.68
CA ARG A 202 17.26 4.69 -16.85
C ARG A 202 16.31 3.76 -17.59
N CYS A 203 15.98 2.65 -17.00
CA CYS A 203 15.08 1.67 -17.57
C CYS A 203 13.72 1.78 -16.95
N TRP A 204 12.74 2.07 -17.77
CA TRP A 204 11.37 2.38 -17.33
C TRP A 204 10.47 1.22 -17.60
N ALA A 205 9.53 1.03 -16.67
CA ALA A 205 8.41 0.12 -16.79
C ALA A 205 7.15 0.89 -16.41
N LEU A 206 6.18 0.94 -17.30
CA LEU A 206 4.93 1.71 -17.10
C LEU A 206 3.73 0.87 -17.45
N GLY A 207 2.62 1.17 -16.80
CA GLY A 207 1.35 0.64 -17.21
C GLY A 207 1.11 -0.83 -16.84
N PHE A 208 1.82 -1.34 -15.83
CA PHE A 208 1.73 -2.79 -15.55
C PHE A 208 0.80 -3.06 -14.35
N TYR A 209 0.28 -4.26 -14.36
CA TYR A 209 -0.55 -4.79 -13.25
C TYR A 209 -0.39 -6.27 -13.29
N PRO A 210 -0.14 -6.95 -12.14
CA PRO A 210 -0.03 -6.42 -10.77
C PRO A 210 1.28 -5.72 -10.56
N ALA A 211 1.47 -5.23 -9.31
CA ALA A 211 2.64 -4.41 -8.99
C ALA A 211 3.96 -5.15 -9.00
N GLU A 212 3.94 -6.41 -8.70
CA GLU A 212 5.21 -7.17 -8.61
CA GLU A 212 5.18 -7.22 -8.63
C GLU A 212 5.92 -7.13 -9.97
N ILE A 213 7.19 -6.77 -9.93
CA ILE A 213 8.00 -6.67 -11.13
C ILE A 213 9.45 -6.79 -10.70
N THR A 214 10.32 -7.22 -11.61
CA THR A 214 11.78 -7.14 -11.34
C THR A 214 12.46 -6.40 -12.47
N LEU A 215 13.17 -5.34 -12.14
CA LEU A 215 13.99 -4.58 -13.07
C LEU A 215 15.38 -4.64 -12.62
N THR A 216 16.27 -5.10 -13.50
CA THR A 216 17.68 -5.19 -13.07
C THR A 216 18.47 -4.64 -14.24
N TRP A 217 19.67 -4.06 -13.93
CA TRP A 217 20.72 -3.72 -14.89
C TRP A 217 21.87 -4.69 -14.75
N GLN A 218 22.40 -5.14 -15.91
CA GLN A 218 23.64 -5.95 -15.97
C GLN A 218 24.69 -5.20 -16.75
N ARG A 219 25.92 -5.35 -16.30
CA ARG A 219 27.11 -4.83 -16.99
C ARG A 219 27.86 -6.10 -17.36
N ASP A 220 28.07 -6.32 -18.65
CA ASP A 220 28.74 -7.57 -19.14
C ASP A 220 28.05 -8.79 -18.54
N GLY A 221 26.75 -8.76 -18.42
CA GLY A 221 26.02 -9.92 -17.92
C GLY A 221 26.05 -10.11 -16.41
N GLU A 222 26.64 -9.18 -15.67
CA GLU A 222 26.69 -9.28 -14.22
C GLU A 222 25.72 -8.28 -13.62
N ASP A 223 24.84 -8.73 -12.73
CA ASP A 223 23.88 -7.80 -12.11
C ASP A 223 24.62 -6.72 -11.35
N GLN A 224 24.17 -5.48 -11.48
CA GLN A 224 24.76 -4.31 -10.86
C GLN A 224 24.00 -3.84 -9.64
N THR A 225 23.86 -4.75 -8.70
CA THR A 225 22.96 -4.45 -7.58
C THR A 225 23.37 -3.22 -6.78
N GLN A 226 24.60 -3.17 -6.34
CA GLN A 226 25.11 -2.02 -5.56
C GLN A 226 25.10 -0.70 -6.31
N ASP A 227 25.14 -0.75 -7.64
CA ASP A 227 25.24 0.46 -8.44
C ASP A 227 23.93 0.83 -9.12
N THR A 228 22.85 0.14 -8.78
CA THR A 228 21.56 0.47 -9.42
C THR A 228 20.71 1.24 -8.45
N GLU A 229 20.20 2.41 -8.85
CA GLU A 229 19.16 3.11 -8.09
C GLU A 229 17.84 2.59 -8.54
N LEU A 230 17.02 2.10 -7.63
N LEU A 230 17.10 2.02 -7.60
CA LEU A 230 15.77 1.41 -7.98
CA LEU A 230 15.67 1.74 -7.75
C LEU A 230 14.63 2.12 -7.17
C LEU A 230 14.83 2.78 -7.11
N VAL A 231 13.69 2.95 -7.75
CA VAL A 231 12.63 3.59 -7.01
C VAL A 231 11.59 2.57 -6.61
N GLU A 232 10.85 2.83 -5.52
N GLU A 232 10.89 2.85 -5.54
CA GLU A 232 9.74 1.99 -5.15
CA GLU A 232 9.83 2.02 -5.14
C GLU A 232 8.77 1.97 -6.25
C GLU A 232 8.73 2.00 -6.20
N THR A 233 8.16 0.84 -6.47
CA THR A 233 7.05 0.75 -7.39
C THR A 233 5.92 1.64 -6.93
N ARG A 234 5.30 2.37 -7.86
CA ARG A 234 4.40 3.46 -7.49
C ARG A 234 3.15 3.39 -8.29
N PRO A 235 2.00 3.74 -7.74
CA PRO A 235 0.75 3.66 -8.45
C PRO A 235 0.55 4.83 -9.42
N ALA A 236 0.04 4.53 -10.60
CA ALA A 236 -0.27 5.57 -11.59
C ALA A 236 -1.58 6.26 -11.30
N GLY A 237 -2.50 5.62 -10.62
CA GLY A 237 -3.88 6.11 -10.36
C GLY A 237 -4.94 5.51 -11.26
N ASP A 238 -4.56 4.74 -12.24
CA ASP A 238 -5.46 4.08 -13.25
C ASP A 238 -5.47 2.51 -13.12
N ARG A 239 -5.09 2.06 -11.96
CA ARG A 239 -4.94 0.65 -11.51
C ARG A 239 -3.49 0.18 -11.76
N THR A 240 -2.77 0.80 -12.64
CA THR A 240 -1.44 0.32 -13.07
C THR A 240 -0.34 0.92 -12.20
N PHE A 241 0.84 0.38 -12.35
CA PHE A 241 2.02 0.74 -11.59
C PHE A 241 3.15 1.18 -12.50
N GLN A 242 4.11 1.84 -11.93
CA GLN A 242 5.31 2.35 -12.62
C GLN A 242 6.54 2.03 -11.81
N LYS A 243 7.70 1.90 -12.46
CA LYS A 243 8.95 1.69 -11.74
C LYS A 243 10.08 2.09 -12.69
N TRP A 244 11.19 2.52 -12.15
CA TRP A 244 12.40 2.65 -12.97
C TRP A 244 13.61 2.17 -12.15
N ALA A 245 14.68 1.86 -12.93
CA ALA A 245 15.97 1.49 -12.37
C ALA A 245 17.04 2.23 -13.13
N ALA A 246 18.00 2.83 -12.47
CA ALA A 246 19.02 3.63 -13.19
C ALA A 246 20.41 3.23 -12.79
N VAL A 247 21.33 3.36 -13.71
CA VAL A 247 22.74 3.18 -13.42
CA VAL A 247 22.79 3.08 -13.48
C VAL A 247 23.53 4.24 -14.11
N VAL A 248 24.62 4.65 -13.47
CA VAL A 248 25.54 5.65 -14.06
C VAL A 248 26.69 4.90 -14.70
N VAL A 249 26.95 5.16 -15.95
CA VAL A 249 27.89 4.39 -16.73
C VAL A 249 28.94 5.26 -17.35
N PRO A 250 30.11 4.71 -17.63
CA PRO A 250 31.11 5.49 -18.34
C PRO A 250 30.65 5.82 -19.77
N SER A 251 30.92 7.04 -20.20
CA SER A 251 30.52 7.44 -21.54
C SER A 251 31.26 6.57 -22.49
N GLY A 252 30.52 6.08 -23.48
CA GLY A 252 31.05 5.20 -24.45
C GLY A 252 30.88 3.73 -24.17
N GLU A 253 30.48 3.36 -22.96
CA GLU A 253 30.36 1.99 -22.56
C GLU A 253 28.90 1.54 -22.49
N GLU A 254 27.97 2.35 -23.00
CA GLU A 254 26.54 2.08 -22.83
C GLU A 254 26.11 0.72 -23.37
N GLN A 255 26.76 0.21 -24.42
CA GLN A 255 26.33 -1.05 -24.99
C GLN A 255 26.68 -2.27 -24.15
N ARG A 256 27.52 -2.06 -23.13
CA ARG A 256 27.79 -3.14 -22.20
C ARG A 256 26.71 -3.37 -21.17
N TYR A 257 25.67 -2.54 -21.19
CA TYR A 257 24.60 -2.55 -20.19
C TYR A 257 23.28 -3.01 -20.76
N THR A 258 22.63 -3.91 -20.06
CA THR A 258 21.31 -4.43 -20.45
C THR A 258 20.37 -4.34 -19.26
N CYS A 259 19.14 -3.98 -19.53
CA CYS A 259 18.06 -3.95 -18.54
C CYS A 259 17.18 -5.12 -18.76
N HIS A 260 16.90 -5.83 -17.69
CA HIS A 260 16.14 -7.07 -17.71
C HIS A 260 14.86 -6.86 -16.94
N VAL A 261 13.76 -7.25 -17.57
CA VAL A 261 12.43 -6.99 -17.01
C VAL A 261 11.69 -8.28 -16.89
N GLN A 262 11.21 -8.60 -15.67
CA GLN A 262 10.37 -9.76 -15.45
C GLN A 262 9.03 -9.29 -14.91
N HIS A 263 7.96 -9.84 -15.47
CA HIS A 263 6.60 -9.48 -15.01
C HIS A 263 5.66 -10.57 -15.50
N GLU A 264 4.63 -10.89 -14.71
CA GLU A 264 3.53 -11.86 -15.03
CA GLU A 264 3.82 -12.03 -15.07
C GLU A 264 3.02 -11.76 -16.37
N GLY A 265 2.79 -10.56 -16.83
CA GLY A 265 2.10 -10.25 -18.09
C GLY A 265 2.93 -10.43 -19.35
N LEU A 266 4.22 -10.67 -19.19
CA LEU A 266 5.10 -10.82 -20.33
C LEU A 266 5.13 -12.29 -20.71
N PRO A 267 5.04 -12.62 -22.06
CA PRO A 267 5.25 -13.96 -22.60
C PRO A 267 6.65 -14.46 -22.28
N LYS A 268 7.61 -13.54 -22.30
CA LYS A 268 8.99 -13.82 -21.94
C LYS A 268 9.61 -12.55 -21.35
N PRO A 269 10.62 -12.75 -20.51
CA PRO A 269 11.30 -11.56 -20.01
C PRO A 269 12.03 -10.79 -21.05
N LEU A 270 12.13 -9.48 -20.85
CA LEU A 270 12.66 -8.59 -21.84
C LEU A 270 14.10 -8.31 -21.47
N THR A 271 14.90 -8.16 -22.50
CA THR A 271 16.23 -7.58 -22.35
C THR A 271 16.22 -6.32 -23.21
N LEU A 272 16.58 -5.19 -22.62
CA LEU A 272 16.58 -3.91 -23.31
C LEU A 272 17.94 -3.28 -23.26
N ARG A 273 18.28 -2.49 -24.26
CA ARG A 273 19.50 -1.65 -24.23
C ARG A 273 19.15 -0.25 -24.70
N TRP A 274 20.01 0.70 -24.40
CA TRP A 274 19.83 2.02 -24.92
C TRP A 274 19.95 1.93 -26.42
N GLU A 275 18.97 2.50 -27.12
CA GLU A 275 18.95 2.59 -28.57
C GLU A 275 19.13 4.05 -28.98
N PRO A 276 20.35 4.46 -29.31
CA PRO A 276 20.46 5.85 -29.74
C PRO A 276 19.77 6.03 -31.10
N SER A 277 19.08 7.16 -31.29
CA SER A 277 18.29 7.39 -32.52
C SER A 277 18.94 8.50 -33.36
N MET B 1 7.12 5.85 19.95
CA MET B 1 6.80 4.65 19.14
C MET B 1 8.00 4.44 18.21
N ILE B 2 7.74 3.63 17.20
CA ILE B 2 8.55 3.72 16.00
C ILE B 2 8.07 4.96 15.26
N GLN B 3 9.03 5.83 14.85
CA GLN B 3 8.69 6.71 13.82
C GLN B 3 9.53 6.46 12.58
N ARG B 4 8.87 6.58 11.46
CA ARG B 4 9.45 6.38 10.17
C ARG B 4 9.05 7.56 9.29
N THR B 5 10.03 8.16 8.65
CA THR B 5 9.76 9.34 7.81
C THR B 5 9.33 8.96 6.41
N PRO B 6 8.46 9.75 5.78
CA PRO B 6 8.00 9.36 4.49
C PRO B 6 9.01 9.42 3.37
N LYS B 7 8.95 8.46 2.48
CA LYS B 7 9.48 8.54 1.11
C LYS B 7 8.46 9.31 0.31
N ILE B 8 8.94 10.04 -0.67
CA ILE B 8 8.12 10.91 -1.46
C ILE B 8 8.56 10.80 -2.94
N GLN B 9 7.60 10.53 -3.81
CA GLN B 9 7.80 10.58 -5.27
C GLN B 9 6.73 11.45 -5.86
N VAL B 10 7.14 12.28 -6.83
CA VAL B 10 6.22 13.21 -7.52
C VAL B 10 6.39 12.92 -9.01
N TYR B 11 5.26 12.72 -9.68
CA TYR B 11 5.31 12.16 -11.04
C TYR B 11 3.95 12.30 -11.68
N SER B 12 3.88 12.08 -12.97
CA SER B 12 2.63 12.12 -13.71
C SER B 12 2.08 10.76 -14.01
N ARG B 13 0.77 10.61 -14.20
CA ARG B 13 0.16 9.34 -14.60
C ARG B 13 0.66 8.88 -15.92
N HIS B 14 0.63 9.80 -16.90
CA HIS B 14 1.03 9.55 -18.27
C HIS B 14 2.28 10.35 -18.56
N PRO B 15 3.09 9.98 -19.57
CA PRO B 15 4.19 10.81 -19.96
C PRO B 15 3.74 12.21 -20.22
N ALA B 16 4.43 13.22 -19.69
CA ALA B 16 3.96 14.56 -19.81
C ALA B 16 4.15 15.07 -21.24
N GLU B 17 3.16 15.81 -21.68
CA GLU B 17 3.17 16.51 -22.94
C GLU B 17 2.56 17.90 -22.71
N ASN B 18 3.36 18.90 -22.99
CA ASN B 18 2.90 20.25 -22.74
C ASN B 18 1.58 20.50 -23.42
N GLY B 19 0.70 21.14 -22.68
CA GLY B 19 -0.64 21.44 -23.16
C GLY B 19 -1.62 20.31 -23.15
N LYS B 20 -1.24 19.13 -22.66
CA LYS B 20 -2.18 18.02 -22.62
C LYS B 20 -2.53 17.65 -21.18
N SER B 21 -3.81 17.51 -20.86
CA SER B 21 -4.29 17.17 -19.50
C SER B 21 -3.76 15.82 -19.06
N ASN B 22 -3.53 15.69 -17.78
CA ASN B 22 -2.81 14.54 -17.20
C ASN B 22 -3.18 14.57 -15.73
N PHE B 23 -2.57 13.70 -14.92
CA PHE B 23 -2.69 13.74 -13.44
C PHE B 23 -1.31 13.87 -12.85
N LEU B 24 -1.19 14.73 -11.86
CA LEU B 24 -0.01 14.91 -11.06
C LEU B 24 -0.22 14.11 -9.79
N ASN B 25 0.74 13.24 -9.49
CA ASN B 25 0.74 12.32 -8.35
C ASN B 25 1.84 12.72 -7.39
N CYS B 26 1.52 12.62 -6.10
CA CYS B 26 2.53 12.60 -5.04
C CYS B 26 2.30 11.39 -4.19
N TYR B 27 3.18 10.44 -4.27
CA TYR B 27 3.07 9.20 -3.55
C TYR B 27 3.97 9.27 -2.33
N VAL B 28 3.33 9.14 -1.15
CA VAL B 28 4.04 9.16 0.14
C VAL B 28 3.93 7.79 0.75
N SER B 29 5.05 7.25 1.17
CA SER B 29 5.06 5.84 1.63
C SER B 29 6.13 5.62 2.65
N GLY B 30 6.05 4.45 3.34
CA GLY B 30 7.08 4.06 4.31
C GLY B 30 7.06 4.84 5.61
N PHE B 31 5.94 5.52 5.94
CA PHE B 31 5.89 6.38 7.12
C PHE B 31 5.10 5.79 8.27
N HIS B 32 5.40 6.30 9.43
CA HIS B 32 4.67 5.90 10.66
C HIS B 32 4.95 6.98 11.64
N PRO B 33 3.98 7.54 12.39
CA PRO B 33 2.53 7.23 12.35
C PRO B 33 1.88 7.76 11.10
N SER B 34 0.58 7.48 10.97
CA SER B 34 -0.19 7.76 9.79
C SER B 34 -0.56 9.25 9.57
N ASP B 35 -0.58 10.05 10.59
CA ASP B 35 -0.94 11.47 10.35
C ASP B 35 0.17 12.10 9.46
N ILE B 36 -0.27 12.78 8.42
CA ILE B 36 0.63 13.36 7.44
C ILE B 36 -0.14 14.46 6.75
N GLU B 37 0.61 15.48 6.32
N GLU B 37 0.50 15.56 6.38
CA GLU B 37 0.13 16.68 5.62
CA GLU B 37 -0.18 16.60 5.59
C GLU B 37 0.76 16.63 4.26
C GLU B 37 0.63 16.76 4.34
N VAL B 38 -0.11 16.71 3.25
CA VAL B 38 0.45 16.75 1.89
C VAL B 38 -0.30 17.80 1.09
N ASP B 39 0.48 18.73 0.50
CA ASP B 39 -0.03 19.69 -0.46
C ASP B 39 0.64 19.49 -1.81
N LEU B 40 -0.15 19.68 -2.88
CA LEU B 40 0.44 19.82 -4.23
C LEU B 40 0.52 21.28 -4.55
N LEU B 41 1.65 21.71 -5.14
CA LEU B 41 1.93 23.14 -5.42
C LEU B 41 2.09 23.41 -6.92
N LYS B 42 1.50 24.50 -7.35
CA LYS B 42 1.72 25.03 -8.69
C LYS B 42 2.33 26.39 -8.49
N ASN B 43 3.54 26.55 -9.00
CA ASN B 43 4.31 27.80 -8.83
C ASN B 43 4.27 28.29 -7.38
N GLY B 44 4.40 27.32 -6.50
CA GLY B 44 4.58 27.57 -5.09
C GLY B 44 3.28 27.68 -4.31
N GLU B 45 2.13 27.73 -4.99
CA GLU B 45 0.85 27.93 -4.32
C GLU B 45 0.12 26.63 -4.22
N ARG B 46 -0.61 26.41 -3.13
CA ARG B 46 -1.40 25.20 -2.90
C ARG B 46 -2.50 25.04 -3.94
N ILE B 47 -2.51 23.86 -4.57
CA ILE B 47 -3.62 23.50 -5.41
C ILE B 47 -4.82 23.03 -4.52
N GLU B 48 -6.00 23.56 -4.80
CA GLU B 48 -7.15 23.23 -3.94
C GLU B 48 -7.77 21.89 -4.26
N LYS B 49 -7.85 21.51 -5.52
CA LYS B 49 -8.60 20.30 -5.82
C LYS B 49 -7.61 19.16 -5.81
N VAL B 50 -7.35 18.67 -4.61
CA VAL B 50 -6.46 17.50 -4.46
C VAL B 50 -7.17 16.40 -3.69
N GLU B 51 -7.15 15.18 -4.25
CA GLU B 51 -7.73 14.05 -3.52
C GLU B 51 -6.64 13.10 -3.10
N HIS B 52 -6.97 12.16 -2.24
CA HIS B 52 -6.05 11.10 -1.89
C HIS B 52 -6.73 9.73 -1.80
N SER B 53 -5.90 8.73 -1.93
CA SER B 53 -6.34 7.33 -1.72
C SER B 53 -6.70 7.05 -0.29
N ASP B 54 -7.44 5.98 -0.06
CA ASP B 54 -7.78 5.55 1.28
C ASP B 54 -6.59 4.97 1.99
N LEU B 55 -6.41 5.28 3.27
CA LEU B 55 -5.26 4.85 4.01
C LEU B 55 -5.07 3.32 4.03
N SER B 56 -3.85 2.96 3.63
CA SER B 56 -3.47 1.53 3.68
C SER B 56 -2.02 1.45 4.08
N PHE B 57 -1.53 0.21 4.20
CA PHE B 57 -0.18 0.01 4.67
C PHE B 57 0.40 -1.26 4.08
N SER B 58 1.71 -1.29 4.16
CA SER B 58 2.56 -2.33 3.54
C SER B 58 2.81 -3.44 4.56
N LYS B 59 3.52 -4.46 4.10
CA LYS B 59 3.79 -5.61 4.96
C LYS B 59 4.59 -5.32 6.19
N ASP B 60 5.39 -4.27 6.17
CA ASP B 60 6.12 -3.83 7.31
C ASP B 60 5.39 -2.84 8.20
N TRP B 61 4.08 -2.69 7.93
CA TRP B 61 3.16 -1.84 8.71
C TRP B 61 3.25 -0.36 8.37
N SER B 62 4.18 0.04 7.54
CA SER B 62 4.31 1.45 7.16
C SER B 62 3.19 1.86 6.20
N PHE B 63 2.73 3.09 6.38
CA PHE B 63 1.62 3.62 5.60
C PHE B 63 1.99 4.14 4.23
N TYR B 64 0.99 4.13 3.33
CA TYR B 64 1.17 4.81 2.04
C TYR B 64 -0.13 5.44 1.63
N LEU B 65 0.04 6.58 0.89
CA LEU B 65 -1.05 7.38 0.33
C LEU B 65 -0.61 7.93 -1.02
N LEU B 66 -1.56 7.95 -1.93
CA LEU B 66 -1.45 8.68 -3.23
C LEU B 66 -2.28 9.91 -3.17
N TYR B 67 -1.66 11.09 -3.33
CA TYR B 67 -2.32 12.35 -3.52
C TYR B 67 -2.29 12.73 -4.99
N TYR B 68 -3.35 13.25 -5.52
CA TYR B 68 -3.40 13.45 -6.98
C TYR B 68 -4.36 14.54 -7.36
N THR B 69 -4.08 15.12 -8.54
CA THR B 69 -4.94 16.16 -9.12
C THR B 69 -4.77 16.16 -10.59
N GLU B 70 -5.82 16.53 -11.30
CA GLU B 70 -5.74 16.79 -12.76
CA GLU B 70 -5.71 16.70 -12.71
C GLU B 70 -4.87 17.99 -12.97
N PHE B 71 -4.04 17.98 -14.01
CA PHE B 71 -3.26 19.17 -14.36
C PHE B 71 -2.91 19.12 -15.81
N THR B 72 -2.60 20.28 -16.36
CA THR B 72 -2.14 20.36 -17.73
C THR B 72 -0.76 20.99 -17.68
N PRO B 73 0.32 20.18 -17.86
CA PRO B 73 1.66 20.73 -17.72
C PRO B 73 1.98 21.68 -18.87
N THR B 74 2.94 22.56 -18.65
CA THR B 74 3.42 23.51 -19.63
C THR B 74 4.93 23.57 -19.52
N GLU B 75 5.55 24.27 -20.47
CA GLU B 75 7.00 24.45 -20.39
C GLU B 75 7.44 25.14 -19.07
N LYS B 76 6.70 26.17 -18.65
CA LYS B 76 7.16 27.02 -17.56
C LYS B 76 6.57 26.80 -16.22
N ASP B 77 5.41 26.18 -16.13
CA ASP B 77 4.82 26.02 -14.78
C ASP B 77 5.60 24.98 -14.00
N GLU B 78 5.83 25.29 -12.73
CA GLU B 78 6.59 24.43 -11.82
C GLU B 78 5.60 23.76 -10.88
N TYR B 79 5.73 22.46 -10.71
CA TYR B 79 4.88 21.71 -9.77
C TYR B 79 5.74 21.04 -8.70
N ALA B 80 5.15 20.86 -7.54
CA ALA B 80 5.86 20.23 -6.42
C ALA B 80 4.87 19.62 -5.46
N CYS B 81 5.37 18.80 -4.55
CA CYS B 81 4.64 18.22 -3.42
CA CYS B 81 4.51 18.44 -3.40
C CYS B 81 5.30 18.68 -2.13
N ARG B 82 4.54 19.11 -1.16
CA ARG B 82 5.06 19.58 0.12
C ARG B 82 4.47 18.67 1.20
N VAL B 83 5.34 18.04 1.99
CA VAL B 83 4.94 17.03 2.99
C VAL B 83 5.38 17.44 4.37
N ASN B 84 4.44 17.32 5.33
CA ASN B 84 4.81 17.49 6.73
C ASN B 84 4.40 16.25 7.51
N HIS B 85 5.25 15.90 8.46
CA HIS B 85 5.13 14.70 9.25
C HIS B 85 5.88 14.90 10.54
N VAL B 86 5.51 14.18 11.59
CA VAL B 86 6.11 14.40 12.88
C VAL B 86 7.64 14.17 12.86
N THR B 87 8.10 13.32 11.94
CA THR B 87 9.53 13.10 11.76
C THR B 87 10.32 14.23 11.12
N LEU B 88 9.63 15.23 10.59
CA LEU B 88 10.30 16.34 9.90
C LEU B 88 10.33 17.61 10.67
N SER B 89 11.48 18.28 10.74
CA SER B 89 11.56 19.50 11.52
C SER B 89 10.98 20.67 10.74
N GLN B 90 10.91 20.55 9.41
CA GLN B 90 10.18 21.50 8.58
C GLN B 90 9.59 20.72 7.40
N PRO B 91 8.56 21.29 6.77
CA PRO B 91 8.04 20.56 5.61
C PRO B 91 9.08 20.31 4.50
N LYS B 92 8.95 19.15 3.86
CA LYS B 92 9.86 18.77 2.78
C LYS B 92 9.12 19.02 1.44
N ILE B 93 9.79 19.73 0.54
CA ILE B 93 9.25 20.05 -0.76
C ILE B 93 10.04 19.27 -1.79
N VAL B 94 9.31 18.51 -2.61
CA VAL B 94 9.90 17.72 -3.67
C VAL B 94 9.32 18.25 -4.99
N LYS B 95 10.22 18.74 -5.82
CA LYS B 95 9.81 19.23 -7.14
C LYS B 95 9.47 18.15 -8.13
N TRP B 96 8.46 18.38 -8.96
CA TRP B 96 8.17 17.48 -10.06
C TRP B 96 9.23 17.62 -11.16
N ASP B 97 9.91 16.49 -11.46
CA ASP B 97 10.81 16.37 -12.62
C ASP B 97 10.09 15.43 -13.61
N ARG B 98 9.66 15.91 -14.78
CA ARG B 98 8.90 15.12 -15.74
C ARG B 98 9.66 13.87 -16.18
N ASP B 99 10.96 13.82 -15.93
CA ASP B 99 11.75 12.62 -16.29
C ASP B 99 12.06 11.64 -15.15
N MET B 100 11.37 11.79 -14.03
CA MET B 100 11.60 10.92 -12.87
C MET B 100 10.35 10.25 -12.28
N ARG C 1 -15.48 -10.43 1.98
CA ARG C 1 -16.24 -9.77 3.09
C ARG C 1 -15.51 -9.92 4.38
N PRO C 2 -15.60 -8.97 5.31
CA PRO C 2 -14.79 -8.98 6.52
C PRO C 2 -15.29 -10.00 7.54
N GLN C 3 -14.30 -10.32 8.43
CA GLN C 3 -14.55 -11.18 9.56
C GLN C 3 -15.19 -10.43 10.70
N VAL C 4 -15.95 -11.06 11.49
CA VAL C 4 -16.54 -10.38 12.66
C VAL C 4 -15.52 -10.13 13.71
N PRO C 5 -15.62 -9.08 14.53
CA PRO C 5 -14.74 -8.93 15.66
C PRO C 5 -14.98 -10.00 16.69
N LEU C 6 -13.93 -10.39 17.41
CA LEU C 6 -14.09 -11.42 18.44
C LEU C 6 -13.87 -11.00 19.88
N ARG C 7 -12.64 -10.71 20.22
CA ARG C 7 -12.30 -10.30 21.58
C ARG C 7 -11.30 -9.19 21.50
N PRO C 8 -11.40 -8.15 22.40
CA PRO C 8 -10.34 -7.18 22.44
C PRO C 8 -8.99 -7.80 22.88
N MET C 9 -7.96 -7.06 22.66
N MET C 9 -7.95 -7.06 22.69
CA MET C 9 -6.62 -7.44 23.05
CA MET C 9 -6.67 -7.44 23.31
C MET C 9 -6.54 -7.38 24.59
C MET C 9 -6.58 -7.44 24.75
C1 EDO D . 4.51 -11.22 17.29
O1 EDO D . 5.96 -11.47 17.46
C2 EDO D . 3.99 -11.62 15.94
O2 EDO D . 4.13 -10.97 14.66
C1 EDO E . -16.72 6.32 -3.60
O1 EDO E . -15.89 5.50 -4.41
C2 EDO E . -17.33 5.45 -2.48
O2 EDO E . -18.13 4.39 -3.00
C1 EDO F . -17.79 4.05 15.51
O1 EDO F . -18.92 4.85 16.00
C2 EDO F . -18.02 3.48 14.11
O2 EDO F . -18.44 4.43 13.13
C1 EDO G . -20.34 -17.60 -0.90
O1 EDO G . -19.61 -18.68 -1.46
C2 EDO G . -20.03 -16.43 -1.80
O2 EDO G . -20.21 -16.69 -3.21
C1 EDO H . -20.14 -18.00 3.17
O1 EDO H . -18.93 -18.22 2.43
C2 EDO H . -19.74 -17.94 4.62
O2 EDO H . -19.76 -16.58 5.07
C1 EDO I . 22.69 5.03 -10.27
O1 EDO I . 23.57 5.70 -9.33
C2 EDO I . 21.38 5.77 -10.33
O2 EDO I . 21.39 7.01 -11.01
C1 EDO J . -25.02 -10.08 3.41
O1 EDO J . -24.90 -10.30 4.80
C2 EDO J . -25.13 -11.28 2.49
O2 EDO J . -24.59 -10.92 1.21
C1 EDO K . 4.32 -4.21 19.92
O1 EDO K . 4.02 -3.21 20.90
C2 EDO K . 5.27 -5.20 20.40
O2 EDO K . 6.51 -4.58 20.22
C1 EDO L . -6.93 -21.89 21.62
O1 EDO L . -7.57 -22.29 22.87
C2 EDO L . -7.73 -21.28 20.48
O2 EDO L . -8.78 -21.82 19.56
C1 EDO M . 1.17 4.38 -16.66
O1 EDO M . 1.48 3.55 -15.47
C2 EDO M . -0.28 5.00 -16.86
O2 EDO M . -1.08 3.91 -17.35
C1 EDO N . -16.00 -8.06 19.85
O1 EDO N . -15.30 -7.45 20.94
C2 EDO N . -17.53 -8.09 20.04
O2 EDO N . -18.23 -7.36 18.99
C1 EDO O . -13.51 -21.30 25.07
O1 EDO O . -14.11 -20.46 26.04
C2 EDO O . -14.63 -22.20 24.54
O2 EDO O . -14.54 -23.48 25.18
C1 EDO P . 6.16 -14.50 23.44
O1 EDO P . 6.91 -13.37 23.96
C2 EDO P . 6.05 -15.82 24.19
O2 EDO P . 4.69 -16.31 24.28
C1 EDO Q . -21.90 1.85 17.21
O1 EDO Q . -20.58 1.42 16.87
C2 EDO Q . -22.12 3.31 16.76
O2 EDO Q . -21.17 4.23 17.32
C1 EDO R . -8.28 -6.05 17.90
O1 EDO R . -9.08 -5.03 18.52
C2 EDO R . -8.92 -7.40 18.13
O2 EDO R . -10.10 -7.53 17.23
C1 EDO S . 15.34 -0.01 -25.14
O1 EDO S . 15.68 -1.17 -25.92
C2 EDO S . 14.06 0.68 -25.56
O2 EDO S . 14.18 2.09 -25.35
C1 EDO T . -8.54 12.77 5.73
O1 EDO T . -9.18 11.51 5.38
C2 EDO T . -7.24 12.77 6.29
O2 EDO T . -6.53 13.96 5.92
C1 GOL U . -2.43 -11.10 -11.10
O1 GOL U . -2.73 -10.25 -9.89
C2 GOL U . -3.33 -10.94 -12.36
O2 GOL U . -2.81 -9.92 -13.19
C3 GOL U . -3.49 -12.18 -13.17
O3 GOL U . -4.12 -13.25 -12.44
C1 GOL V . -9.93 -11.05 18.20
O1 GOL V . -11.12 -10.26 17.79
C2 GOL V . -9.17 -11.34 16.90
O2 GOL V . -7.94 -11.95 17.10
C3 GOL V . -9.99 -12.23 15.96
O3 GOL V . -9.82 -12.06 14.53
C1 EDO W . 5.90 8.75 -15.55
O1 EDO W . 5.69 9.66 -14.48
C2 EDO W . 5.18 9.26 -16.74
O2 EDO W . 5.31 8.31 -17.80
C1 EDO X . 13.34 19.11 -9.75
O1 EDO X . 14.27 18.06 -9.57
C2 EDO X . 13.39 19.69 -11.16
O2 EDO X . 12.04 19.89 -11.61
C1 EDO Y . 2.35 21.70 4.49
O1 EDO Y . 3.58 21.44 5.12
C2 EDO Y . 1.95 20.49 3.66
O2 EDO Y . 0.52 20.56 3.78
C1 EDO Z . -2.59 4.01 -3.18
O1 EDO Z . -3.57 3.29 -2.37
C2 EDO Z . -2.76 3.62 -4.62
O2 EDO Z . -3.61 4.52 -5.33
C1 EDO AA . 2.50 24.41 -23.26
O1 EDO AA . 3.61 25.28 -22.88
C2 EDO AA . 1.25 25.13 -23.76
O2 EDO AA . 0.06 24.87 -22.97
C1 EDO BA . -9.65 6.63 4.66
O1 EDO BA . -8.33 7.09 4.31
C2 EDO BA . -10.79 6.75 3.58
O2 EDO BA . -11.92 7.48 4.08
C1 EDO CA . 11.07 12.86 -7.85
O1 EDO CA . 9.94 12.03 -7.43
C2 EDO CA . 10.79 14.25 -8.51
O2 EDO CA . 9.89 14.21 -9.63
C1 EDO DA . -1.39 14.73 17.09
O1 EDO DA . -0.83 13.69 17.91
C2 EDO DA . -1.16 14.36 15.63
O2 EDO DA . -2.00 15.13 14.79
C1 GOL EA . 1.77 28.27 -0.28
O1 GOL EA . 2.62 27.26 -0.77
C2 GOL EA . 0.34 27.77 -0.29
O2 GOL EA . -0.05 27.44 1.07
C3 GOL EA . -0.46 28.87 -0.98
O3 GOL EA . -1.74 28.53 -1.48
C1 GOL FA . -6.08 8.12 -17.28
O1 GOL FA . -6.92 7.02 -16.96
C2 GOL FA . -6.97 9.29 -17.73
O2 GOL FA . -8.24 9.07 -17.02
C3 GOL FA . -6.56 10.82 -17.80
O3 GOL FA . -5.54 11.77 -17.32
C1 EDO GA . -10.98 -10.23 12.81
O1 EDO GA . -11.16 -8.90 12.60
C2 EDO GA . -11.48 -10.03 14.22
O2 EDO GA . -12.15 -11.17 14.73
#